data_7AYW
#
_entry.id   7AYW
#
_cell.length_a   56.791
_cell.length_b   56.791
_cell.length_c   162.092
_cell.angle_alpha   90.000
_cell.angle_beta   90.000
_cell.angle_gamma   120.000
#
_symmetry.space_group_name_H-M   'P 32 2 1'
#
loop_
_entity.id
_entity.type
_entity.pdbx_description
1 polymer 'Chaperone protein IpgC'
2 non-polymer 1H-isoindol-3-amine
3 non-polymer 'CHLORIDE ION'
4 non-polymer 'MAGNESIUM ION'
5 non-polymer DI(HYDROXYETHYL)ETHER
6 non-polymer 'DIMETHYL SULFOXIDE'
7 water water
#
_entity_poly.entity_id   1
_entity_poly.type   'polypeptide(L)'
_entity_poly.pdbx_seq_one_letter_code
;GSISTAVIDAINSGATLKDINAIPDDMMDDIYSYAYDFYNKGRIEEAEVFFRFLCIYDFYNVDYIMGLAAIYQIKEQFQQ
AADLYAVAFALGKNDYTPVFHTGQCQLRLKAPLKAKECFELVIQHSNDEKLKIKAQSYLDAIQ
;
_entity_poly.pdbx_strand_id   A,B
#
loop_
_chem_comp.id
_chem_comp.type
_chem_comp.name
_chem_comp.formula
CL non-polymer 'CHLORIDE ION' 'Cl -1'
DMS non-polymer 'DIMETHYL SULFOXIDE' 'C2 H6 O S'
F05 non-polymer 1H-isoindol-3-amine 'C8 H8 N2'
MG non-polymer 'MAGNESIUM ION' 'Mg 2'
PEG non-polymer DI(HYDROXYETHYL)ETHER 'C4 H10 O3'
#
# COMPACT_ATOMS: atom_id res chain seq x y z
N GLY A 1 -36.08 3.49 1.56
CA GLY A 1 -36.83 3.56 0.32
C GLY A 1 -36.25 2.71 -0.80
N SER A 2 -36.63 3.03 -2.04
CA SER A 2 -36.22 2.22 -3.19
C SER A 2 -34.70 2.13 -3.28
N ILE A 3 -34.00 3.25 -3.06
CA ILE A 3 -32.56 3.31 -3.23
C ILE A 3 -31.86 2.52 -2.13
N SER A 4 -32.20 2.80 -0.87
CA SER A 4 -31.54 2.06 0.20
C SER A 4 -31.87 0.57 0.12
N THR A 5 -33.13 0.24 -0.18
CA THR A 5 -33.53 -1.16 -0.27
C THR A 5 -32.74 -1.90 -1.36
N ALA A 6 -32.42 -1.21 -2.45
CA ALA A 6 -31.62 -1.79 -3.54
C ALA A 6 -30.14 -1.90 -3.17
N VAL A 7 -29.59 -0.86 -2.54
CA VAL A 7 -28.19 -0.88 -2.12
C VAL A 7 -27.94 -2.02 -1.14
N ILE A 8 -28.85 -2.22 -0.19
CA ILE A 8 -28.66 -3.27 0.81
C ILE A 8 -28.82 -4.65 0.19
N ASP A 9 -29.80 -4.83 -0.70
CA ASP A 9 -29.91 -6.10 -1.41
C ASP A 9 -28.59 -6.44 -2.10
N ALA A 10 -27.98 -5.46 -2.75
CA ALA A 10 -26.73 -5.72 -3.45
C ALA A 10 -25.58 -5.96 -2.48
N ILE A 11 -25.52 -5.15 -1.41
CA ILE A 11 -24.45 -5.32 -0.43
C ILE A 11 -24.42 -6.75 0.07
N ASN A 12 -25.57 -7.27 0.44
CA ASN A 12 -25.66 -8.60 1.03
C ASN A 12 -25.60 -9.70 -0.05
N LEU A 17 -20.50 -0.72 -1.56
CA LEU A 17 -21.15 0.57 -1.31
C LEU A 17 -20.83 1.55 -2.43
N LYS A 18 -19.54 1.76 -2.67
CA LYS A 18 -19.15 2.61 -3.79
C LYS A 18 -19.47 1.97 -5.14
N ASP A 19 -19.22 0.67 -5.29
CA ASP A 19 -19.61 0.00 -6.53
C ASP A 19 -21.07 0.30 -6.88
N ILE A 20 -21.94 0.49 -5.87
CA ILE A 20 -23.35 0.77 -6.09
C ILE A 20 -23.66 2.27 -6.21
N ASN A 21 -22.66 3.13 -6.12
CA ASN A 21 -22.89 4.58 -6.11
C ASN A 21 -23.91 4.98 -5.04
N ALA A 22 -23.73 4.46 -3.84
CA ALA A 22 -24.72 4.71 -2.79
C ALA A 22 -24.81 6.18 -2.41
N ILE A 23 -23.70 6.92 -2.43
CA ILE A 23 -23.67 8.32 -2.00
C ILE A 23 -23.21 9.16 -3.18
N PRO A 24 -23.90 10.26 -3.53
CA PRO A 24 -23.49 11.05 -4.70
C PRO A 24 -22.11 11.65 -4.52
N ASP A 25 -21.45 11.89 -5.65
CA ASP A 25 -20.07 12.35 -5.65
C ASP A 25 -19.92 13.66 -4.91
N ASP A 26 -20.87 14.57 -5.11
CA ASP A 26 -20.68 15.88 -4.49
C ASP A 26 -20.92 15.81 -3.00
N MET A 27 -21.71 14.84 -2.52
CA MET A 27 -21.87 14.65 -1.07
C MET A 27 -20.61 14.03 -0.47
N MET A 28 -19.99 13.09 -1.17
CA MET A 28 -18.69 12.58 -0.72
C MET A 28 -17.65 13.69 -0.66
N ASP A 29 -17.59 14.55 -1.69
CA ASP A 29 -16.69 15.69 -1.65
C ASP A 29 -16.96 16.56 -0.44
N ASP A 30 -18.24 16.77 -0.12
CA ASP A 30 -18.57 17.61 1.02
C ASP A 30 -18.05 16.99 2.30
N ILE A 31 -18.24 15.68 2.46
CA ILE A 31 -17.79 15.01 3.69
C ILE A 31 -16.27 15.10 3.83
N TYR A 32 -15.54 14.96 2.70
CA TYR A 32 -14.09 15.10 2.75
C TYR A 32 -13.71 16.51 3.18
N SER A 33 -14.39 17.51 2.63
CA SER A 33 -14.10 18.88 3.02
C SER A 33 -14.40 19.10 4.49
N TYR A 34 -15.50 18.52 4.99
CA TYR A 34 -15.82 18.72 6.40
C TYR A 34 -14.79 18.02 7.28
N ALA A 35 -14.36 16.82 6.89
CA ALA A 35 -13.32 16.12 7.63
C ALA A 35 -12.09 16.98 7.75
N TYR A 36 -11.68 17.60 6.66
CA TYR A 36 -10.50 18.46 6.66
C TYR A 36 -10.73 19.71 7.50
N ASP A 37 -11.96 20.22 7.51
CA ASP A 37 -12.30 21.34 8.39
C ASP A 37 -12.13 20.96 9.85
N PHE A 38 -12.68 19.82 10.26
CA PHE A 38 -12.47 19.36 11.64
C PHE A 38 -10.98 19.32 11.96
N TYR A 39 -10.22 18.69 11.06
CA TYR A 39 -8.80 18.48 11.25
C TYR A 39 -8.09 19.82 11.44
N ASN A 40 -8.40 20.77 10.58
CA ASN A 40 -7.76 22.07 10.66
C ASN A 40 -8.15 22.85 11.90
N LYS A 41 -9.30 22.53 12.50
CA LYS A 41 -9.73 23.13 13.75
C LYS A 41 -9.19 22.40 14.97
N GLY A 42 -8.34 21.41 14.78
CA GLY A 42 -7.85 20.65 15.90
C GLY A 42 -8.81 19.64 16.48
N ARG A 43 -9.99 19.45 15.87
CA ARG A 43 -10.96 18.49 16.40
C ARG A 43 -10.66 17.12 15.81
N ILE A 44 -9.59 16.51 16.33
CA ILE A 44 -9.03 15.30 15.74
C ILE A 44 -9.99 14.13 15.83
N GLU A 45 -10.71 14.01 16.94
CA GLU A 45 -11.61 12.87 17.10
C GLU A 45 -12.76 12.93 16.11
N GLU A 46 -13.30 14.13 15.88
CA GLU A 46 -14.35 14.30 14.86
C GLU A 46 -13.78 14.04 13.48
N ALA A 47 -12.57 14.57 13.22
CA ALA A 47 -11.97 14.32 11.92
C ALA A 47 -11.77 12.82 11.69
N GLU A 48 -11.38 12.11 12.75
CA GLU A 48 -11.12 10.69 12.65
C GLU A 48 -12.39 9.90 12.33
N VAL A 49 -13.50 10.25 12.95
CA VAL A 49 -14.77 9.64 12.57
C VAL A 49 -15.04 9.84 11.09
N PHE A 50 -14.90 11.09 10.61
CA PHE A 50 -15.20 11.34 9.21
C PHE A 50 -14.21 10.62 8.28
N PHE A 51 -12.92 10.59 8.60
CA PHE A 51 -12.00 9.93 7.70
C PHE A 51 -12.20 8.42 7.72
N ARG A 52 -12.55 7.86 8.87
CA ARG A 52 -12.88 6.43 8.88
C ARG A 52 -14.10 6.13 8.00
N PHE A 53 -15.13 6.97 8.07
CA PHE A 53 -16.31 6.80 7.23
C PHE A 53 -15.94 6.84 5.75
N LEU A 54 -15.15 7.86 5.36
CA LEU A 54 -14.70 7.99 3.97
C LEU A 54 -13.94 6.76 3.51
N CYS A 55 -13.05 6.25 4.36
CA CYS A 55 -12.25 5.11 3.99
C CYS A 55 -13.07 3.84 3.89
N ILE A 56 -14.11 3.69 4.72
N ILE A 56 -14.11 3.70 4.72
CA ILE A 56 -15.00 2.53 4.58
CA ILE A 56 -15.00 2.54 4.60
C ILE A 56 -15.76 2.61 3.27
C ILE A 56 -15.79 2.61 3.30
N TYR A 57 -16.20 3.81 2.90
CA TYR A 57 -16.96 3.97 1.68
C TYR A 57 -16.09 3.68 0.46
N ASP A 58 -14.86 4.15 0.46
CA ASP A 58 -14.00 4.05 -0.74
C ASP A 58 -12.61 3.69 -0.24
N PHE A 59 -12.42 2.39 0.01
CA PHE A 59 -11.16 1.97 0.62
C PHE A 59 -9.97 2.10 -0.32
N TYR A 60 -10.20 2.39 -1.61
CA TYR A 60 -9.08 2.59 -2.51
C TYR A 60 -8.79 4.07 -2.81
N ASN A 61 -9.30 5.00 -2.03
CA ASN A 61 -9.09 6.42 -2.28
C ASN A 61 -7.85 6.87 -1.52
N VAL A 62 -6.77 7.18 -2.26
CA VAL A 62 -5.50 7.54 -1.62
C VAL A 62 -5.66 8.71 -0.64
N ASP A 63 -6.36 9.77 -1.06
CA ASP A 63 -6.44 10.96 -0.19
C ASP A 63 -7.25 10.67 1.06
N TYR A 64 -8.29 9.87 0.95
CA TYR A 64 -9.05 9.49 2.14
C TYR A 64 -8.15 8.74 3.09
N ILE A 65 -7.38 7.79 2.56
N ILE A 65 -7.40 7.77 2.56
CA ILE A 65 -6.46 6.99 3.37
CA ILE A 65 -6.46 6.99 3.37
C ILE A 65 -5.37 7.85 3.99
C ILE A 65 -5.42 7.91 4.01
N MET A 66 -4.83 8.80 3.21
CA MET A 66 -3.83 9.73 3.76
C MET A 66 -4.38 10.53 4.92
N GLY A 67 -5.66 10.89 4.87
CA GLY A 67 -6.23 11.65 5.97
C GLY A 67 -6.29 10.86 7.26
N LEU A 68 -6.72 9.61 7.16
CA LEU A 68 -6.74 8.75 8.35
C LEU A 68 -5.33 8.48 8.85
N ALA A 69 -4.37 8.22 7.95
CA ALA A 69 -3.00 7.96 8.40
C ALA A 69 -2.42 9.19 9.11
N ALA A 70 -2.71 10.41 8.62
CA ALA A 70 -2.27 11.64 9.30
C ALA A 70 -2.83 11.71 10.71
N ILE A 71 -4.09 11.30 10.87
N ILE A 71 -4.06 11.26 10.91
CA ILE A 71 -4.71 11.25 12.19
CA ILE A 71 -4.62 11.34 12.25
C ILE A 71 -3.95 10.32 13.10
C ILE A 71 -3.96 10.30 13.16
N TYR A 72 -3.72 9.09 12.65
CA TYR A 72 -3.00 8.10 13.45
C TYR A 72 -1.61 8.63 13.81
N GLN A 73 -0.97 9.34 12.89
CA GLN A 73 0.35 9.88 13.19
C GLN A 73 0.26 10.98 14.24
N ILE A 74 -0.71 11.88 14.12
CA ILE A 74 -0.91 12.93 15.11
C ILE A 74 -1.18 12.32 16.49
N LYS A 75 -1.92 11.23 16.53
CA LYS A 75 -2.28 10.59 17.78
C LYS A 75 -1.19 9.66 18.31
N GLU A 76 -0.02 9.69 17.69
CA GLU A 76 1.15 8.92 18.10
C GLU A 76 0.93 7.41 17.97
N GLN A 77 0.05 7.03 17.07
CA GLN A 77 -0.16 5.63 16.68
C GLN A 77 0.75 5.36 15.48
N PHE A 78 2.05 5.37 15.76
CA PHE A 78 3.00 5.50 14.67
C PHE A 78 3.07 4.26 13.79
N GLN A 79 2.96 3.06 14.36
CA GLN A 79 2.99 1.86 13.51
C GLN A 79 1.73 1.74 12.67
N GLN A 80 0.58 2.07 13.25
CA GLN A 80 -0.66 2.05 12.48
C GLN A 80 -0.58 3.07 11.34
N ALA A 81 -0.02 4.24 11.60
CA ALA A 81 0.13 5.26 10.55
C ALA A 81 1.07 4.78 9.46
N ALA A 82 2.23 4.27 9.86
CA ALA A 82 3.19 3.78 8.87
C ALA A 82 2.58 2.70 7.99
N ASP A 83 1.85 1.77 8.61
CA ASP A 83 1.23 0.70 7.85
C ASP A 83 0.27 1.27 6.81
N LEU A 84 -0.57 2.22 7.22
CA LEU A 84 -1.54 2.77 6.31
C LEU A 84 -0.88 3.61 5.21
N TYR A 85 0.23 4.29 5.53
CA TYR A 85 0.96 5.03 4.52
C TYR A 85 1.50 4.10 3.44
N ALA A 86 1.88 2.88 3.80
CA ALA A 86 2.32 1.94 2.78
C ALA A 86 1.21 1.61 1.80
N VAL A 87 -0.01 1.41 2.29
CA VAL A 87 -1.14 1.18 1.40
C VAL A 87 -1.40 2.40 0.54
N ALA A 88 -1.34 3.60 1.16
CA ALA A 88 -1.55 4.83 0.42
C ALA A 88 -0.53 4.99 -0.69
N PHE A 89 0.75 4.70 -0.39
CA PHE A 89 1.75 4.72 -1.45
C PHE A 89 1.39 3.76 -2.56
N ALA A 90 0.98 2.55 -2.20
CA ALA A 90 0.72 1.54 -3.20
C ALA A 90 -0.43 1.93 -4.10
N LEU A 91 -1.44 2.60 -3.54
CA LEU A 91 -2.59 2.91 -4.38
C LEU A 91 -2.26 4.02 -5.36
N GLY A 92 -1.43 4.99 -4.96
CA GLY A 92 -1.09 6.05 -5.89
C GLY A 92 0.16 5.82 -6.73
N LYS A 93 0.93 4.76 -6.44
CA LYS A 93 2.12 4.33 -7.19
C LYS A 93 3.30 5.30 -7.25
N ASN A 94 3.08 6.61 -7.46
CA ASN A 94 4.20 7.50 -7.75
C ASN A 94 4.19 8.79 -6.93
N ASP A 95 3.53 8.80 -5.79
CA ASP A 95 3.55 9.94 -4.88
C ASP A 95 4.28 9.46 -3.63
N TYR A 96 5.41 10.10 -3.34
CA TYR A 96 6.27 9.66 -2.24
C TYR A 96 5.97 10.41 -0.95
N THR A 97 4.92 11.22 -0.93
CA THR A 97 4.54 11.86 0.33
C THR A 97 4.21 10.85 1.42
N PRO A 98 3.44 9.79 1.17
CA PRO A 98 3.25 8.80 2.25
C PRO A 98 4.53 8.18 2.75
N VAL A 99 5.49 7.98 1.85
CA VAL A 99 6.77 7.39 2.25
C VAL A 99 7.55 8.36 3.13
N PHE A 100 7.56 9.65 2.79
CA PHE A 100 8.14 10.67 3.65
C PHE A 100 7.55 10.62 5.07
N HIS A 101 6.21 10.57 5.18
CA HIS A 101 5.61 10.53 6.50
C HIS A 101 5.90 9.22 7.22
N THR A 102 6.04 8.12 6.47
CA THR A 102 6.46 6.88 7.08
C THR A 102 7.84 7.03 7.71
N GLY A 103 8.75 7.75 7.04
CA GLY A 103 10.06 7.97 7.65
C GLY A 103 9.98 8.69 8.98
N GLN A 104 9.13 9.72 9.06
CA GLN A 104 8.91 10.38 10.32
C GLN A 104 8.42 9.40 11.37
N CYS A 105 7.46 8.57 11.00
CA CYS A 105 6.92 7.59 11.94
C CYS A 105 8.02 6.65 12.44
N GLN A 106 8.87 6.18 11.54
CA GLN A 106 9.91 5.24 11.94
C GLN A 106 10.90 5.88 12.91
N LEU A 107 11.25 7.15 12.68
CA LEU A 107 12.09 7.83 13.67
C LEU A 107 11.46 7.79 15.05
N ARG A 108 10.17 8.08 15.14
CA ARG A 108 9.51 8.10 16.44
C ARG A 108 9.41 6.70 17.04
N LEU A 109 9.38 5.67 16.19
CA LEU A 109 9.47 4.29 16.63
C LEU A 109 10.90 3.85 16.93
N LYS A 110 11.85 4.77 16.86
CA LYS A 110 13.26 4.46 17.11
C LYS A 110 13.77 3.39 16.16
N ALA A 111 13.40 3.50 14.89
CA ALA A 111 13.85 2.62 13.82
C ALA A 111 14.56 3.45 12.75
N PRO A 112 15.72 3.99 13.07
CA PRO A 112 16.36 4.95 12.15
C PRO A 112 16.81 4.37 10.82
N LEU A 113 17.15 3.08 10.76
CA LEU A 113 17.50 2.51 9.47
C LEU A 113 16.29 2.44 8.56
N LYS A 114 15.13 2.07 9.11
CA LYS A 114 13.91 2.12 8.31
C LYS A 114 13.60 3.54 7.88
N ALA A 115 13.76 4.51 8.78
CA ALA A 115 13.52 5.90 8.41
C ALA A 115 14.44 6.31 7.26
N LYS A 116 15.72 5.97 7.37
CA LYS A 116 16.65 6.35 6.31
C LYS A 116 16.23 5.73 4.98
N GLU A 117 15.79 4.46 4.98
CA GLU A 117 15.30 3.86 3.74
C GLU A 117 14.16 4.67 3.14
N CYS A 118 13.23 5.10 3.98
CA CYS A 118 12.11 5.88 3.49
C CYS A 118 12.60 7.18 2.87
N PHE A 119 13.44 7.92 3.60
CA PHE A 119 13.84 9.22 3.08
C PHE A 119 14.67 9.08 1.81
N GLU A 120 15.47 8.02 1.73
CA GLU A 120 16.23 7.74 0.52
C GLU A 120 15.31 7.42 -0.67
N LEU A 121 14.24 6.68 -0.42
CA LEU A 121 13.31 6.41 -1.51
C LEU A 121 12.72 7.71 -2.04
N VAL A 122 12.43 8.66 -1.15
CA VAL A 122 11.94 9.97 -1.57
C VAL A 122 13.00 10.69 -2.43
N ILE A 123 14.24 10.74 -1.95
CA ILE A 123 15.30 11.48 -2.64
C ILE A 123 15.54 10.90 -4.03
N GLN A 124 15.49 9.58 -4.15
CA GLN A 124 15.87 8.93 -5.40
C GLN A 124 14.77 8.97 -6.46
N HIS A 125 13.51 9.09 -6.08
CA HIS A 125 12.40 8.87 -6.99
C HIS A 125 11.42 10.02 -7.12
N SER A 126 11.34 10.89 -6.13
CA SER A 126 10.35 11.94 -6.14
C SER A 126 10.76 13.09 -7.05
N ASN A 127 9.76 13.72 -7.68
CA ASN A 127 9.94 14.96 -8.41
C ASN A 127 9.40 16.15 -7.64
N ASP A 128 9.09 15.96 -6.36
CA ASP A 128 8.57 17.01 -5.48
C ASP A 128 9.76 17.61 -4.76
N GLU A 129 10.22 18.78 -5.23
CA GLU A 129 11.44 19.34 -4.69
C GLU A 129 11.30 19.72 -3.22
N LYS A 130 10.15 20.28 -2.84
CA LYS A 130 10.01 20.69 -1.44
C LYS A 130 10.00 19.48 -0.52
N LEU A 131 9.40 18.37 -0.97
CA LEU A 131 9.44 17.13 -0.20
C LEU A 131 10.87 16.60 -0.09
N LYS A 132 11.62 16.66 -1.19
CA LYS A 132 13.00 16.12 -1.17
C LYS A 132 13.89 16.94 -0.25
N ILE A 133 13.68 18.26 -0.19
CA ILE A 133 14.46 19.08 0.73
C ILE A 133 14.22 18.66 2.17
N LYS A 134 12.96 18.39 2.52
CA LYS A 134 12.64 17.90 3.85
C LYS A 134 13.30 16.53 4.09
N ALA A 135 13.17 15.63 3.12
CA ALA A 135 13.77 14.31 3.26
C ALA A 135 15.29 14.41 3.45
N GLN A 136 15.95 15.28 2.69
CA GLN A 136 17.40 15.40 2.81
C GLN A 136 17.80 16.00 4.15
N SER A 137 17.02 16.95 4.67
CA SER A 137 17.26 17.48 6.02
C SER A 137 17.27 16.36 7.06
N TYR A 138 16.30 15.45 6.98
CA TYR A 138 16.31 14.32 7.91
C TYR A 138 17.54 13.46 7.68
N LEU A 139 17.82 13.14 6.42
CA LEU A 139 19.00 12.34 6.13
C LEU A 139 20.26 12.98 6.70
N ASP A 140 20.36 14.32 6.64
CA ASP A 140 21.52 15.02 7.20
C ASP A 140 21.62 14.85 8.71
N ALA A 141 20.51 14.56 9.38
CA ALA A 141 20.50 14.44 10.84
C ALA A 141 20.68 13.01 11.33
N ILE A 142 20.36 12.02 10.50
N ILE A 142 20.38 12.02 10.51
CA ILE A 142 20.47 10.62 10.90
CA ILE A 142 20.49 10.63 10.93
C ILE A 142 21.90 10.14 10.67
C ILE A 142 21.94 10.14 10.81
N GLY B 1 -10.68 -7.84 -1.37
CA GLY B 1 -9.42 -8.49 -1.65
C GLY B 1 -8.35 -8.12 -0.64
N SER B 2 -7.07 -8.34 -0.98
CA SER B 2 -5.97 -8.12 -0.05
C SER B 2 -5.90 -6.68 0.43
N ILE B 3 -6.01 -5.72 -0.50
CA ILE B 3 -5.84 -4.33 -0.12
C ILE B 3 -7.02 -3.87 0.73
N SER B 4 -8.25 -4.16 0.26
CA SER B 4 -9.42 -3.73 1.03
C SER B 4 -9.41 -4.36 2.43
N THR B 5 -8.99 -5.62 2.53
CA THR B 5 -8.96 -6.27 3.84
C THR B 5 -7.96 -5.55 4.75
N ALA B 6 -6.86 -5.09 4.18
CA ALA B 6 -5.86 -4.40 4.97
C ALA B 6 -6.34 -3.02 5.39
N VAL B 7 -7.02 -2.31 4.50
CA VAL B 7 -7.57 -1.00 4.84
C VAL B 7 -8.63 -1.14 5.94
N ILE B 8 -9.50 -2.14 5.82
CA ILE B 8 -10.54 -2.27 6.83
C ILE B 8 -9.93 -2.62 8.16
N ASP B 9 -8.92 -3.51 8.18
CA ASP B 9 -8.18 -3.76 9.41
C ASP B 9 -7.63 -2.48 10.01
N ALA B 10 -7.05 -1.61 9.16
CA ALA B 10 -6.41 -0.40 9.67
C ALA B 10 -7.44 0.58 10.19
N ILE B 11 -8.58 0.68 9.52
CA ILE B 11 -9.66 1.52 10.01
C ILE B 11 -10.06 1.07 11.40
N ASN B 12 -10.21 -0.23 11.58
CA ASN B 12 -10.81 -0.72 12.82
C ASN B 12 -9.81 -0.66 13.97
N SER B 13 -8.50 -0.71 13.69
CA SER B 13 -7.47 -0.33 14.64
C SER B 13 -7.48 -1.16 15.92
N GLY B 14 -8.05 -2.36 15.92
CA GLY B 14 -8.13 -3.08 17.17
C GLY B 14 -6.79 -3.66 17.61
N ALA B 15 -6.86 -4.54 18.59
CA ALA B 15 -5.72 -5.37 18.93
C ALA B 15 -5.65 -6.52 17.93
N THR B 16 -4.47 -6.73 17.35
CA THR B 16 -4.31 -7.69 16.26
C THR B 16 -3.63 -8.96 16.73
N LEU B 17 -3.70 -9.98 15.87
CA LEU B 17 -3.10 -11.27 16.19
C LEU B 17 -1.60 -11.14 16.43
N LYS B 18 -0.90 -10.46 15.51
CA LYS B 18 0.55 -10.29 15.71
C LYS B 18 0.83 -9.45 16.95
N ASP B 19 0.04 -8.40 17.16
CA ASP B 19 0.14 -7.64 18.42
C ASP B 19 0.07 -8.56 19.62
N ILE B 20 -0.69 -9.66 19.51
CA ILE B 20 -0.81 -10.63 20.59
C ILE B 20 0.30 -11.66 20.56
N ASN B 21 1.22 -11.57 19.60
CA ASN B 21 2.22 -12.62 19.39
C ASN B 21 1.53 -13.97 19.33
N ALA B 22 0.44 -14.02 18.57
CA ALA B 22 -0.42 -15.20 18.54
C ALA B 22 0.29 -16.43 17.98
N ILE B 23 1.19 -16.25 17.02
CA ILE B 23 1.92 -17.36 16.39
C ILE B 23 3.40 -17.05 16.54
N PRO B 24 4.21 -17.97 17.08
CA PRO B 24 5.65 -17.69 17.24
C PRO B 24 6.36 -17.55 15.89
N ASP B 25 7.48 -16.82 15.93
CA ASP B 25 8.22 -16.53 14.71
C ASP B 25 8.67 -17.79 13.99
N ASP B 26 9.18 -18.78 14.71
CA ASP B 26 9.71 -19.90 13.96
C ASP B 26 8.59 -20.70 13.30
N MET B 27 7.37 -20.62 13.84
CA MET B 27 6.24 -21.27 13.15
C MET B 27 5.80 -20.47 11.92
N MET B 28 5.77 -19.14 12.00
CA MET B 28 5.50 -18.34 10.81
C MET B 28 6.54 -18.61 9.73
N ASP B 29 7.83 -18.68 10.10
CA ASP B 29 8.87 -19.02 9.12
C ASP B 29 8.59 -20.37 8.47
N ASP B 30 8.14 -21.34 9.26
CA ASP B 30 7.86 -22.65 8.71
C ASP B 30 6.70 -22.58 7.72
N ILE B 31 5.63 -21.88 8.08
CA ILE B 31 4.48 -21.77 7.18
C ILE B 31 4.89 -21.08 5.88
N TYR B 32 5.77 -20.09 5.98
CA TYR B 32 6.28 -19.47 4.76
C TYR B 32 7.04 -20.48 3.90
N SER B 33 7.85 -21.33 4.54
CA SER B 33 8.58 -22.33 3.79
C SER B 33 7.64 -23.29 3.09
N TYR B 34 6.54 -23.64 3.75
CA TYR B 34 5.56 -24.53 3.12
C TYR B 34 4.86 -23.81 1.98
N ALA B 35 4.50 -22.54 2.19
CA ALA B 35 3.87 -21.79 1.11
C ALA B 35 4.73 -21.80 -0.14
N TYR B 36 6.02 -21.60 0.02
CA TYR B 36 6.87 -21.56 -1.17
C TYR B 36 7.03 -22.93 -1.78
N ASP B 37 7.02 -23.99 -0.98
CA ASP B 37 7.10 -25.32 -1.54
C ASP B 37 5.88 -25.64 -2.41
N PHE B 38 4.68 -25.32 -1.91
CA PHE B 38 3.51 -25.41 -2.78
C PHE B 38 3.76 -24.64 -4.06
N TYR B 39 4.21 -23.40 -3.93
CA TYR B 39 4.37 -22.55 -5.10
C TYR B 39 5.33 -23.18 -6.09
N ASN B 40 6.44 -23.72 -5.61
CA ASN B 40 7.41 -24.30 -6.52
C ASN B 40 6.95 -25.60 -7.16
N LYS B 41 5.98 -26.29 -6.54
CA LYS B 41 5.39 -27.51 -7.11
C LYS B 41 4.23 -27.19 -8.04
N GLY B 42 3.97 -25.93 -8.35
CA GLY B 42 2.82 -25.56 -9.15
C GLY B 42 1.49 -25.55 -8.44
N ARG B 43 1.48 -25.82 -7.13
CA ARG B 43 0.24 -25.85 -6.37
C ARG B 43 -0.14 -24.44 -5.96
N ILE B 44 -0.58 -23.71 -6.97
CA ILE B 44 -0.85 -22.29 -6.84
C ILE B 44 -1.94 -22.05 -5.81
N GLU B 45 -2.93 -22.93 -5.77
CA GLU B 45 -4.05 -22.73 -4.83
C GLU B 45 -3.62 -23.00 -3.39
N GLU B 46 -2.84 -24.06 -3.14
CA GLU B 46 -2.33 -24.23 -1.77
C GLU B 46 -1.41 -23.09 -1.40
N ALA B 47 -0.55 -22.68 -2.34
CA ALA B 47 0.34 -21.56 -2.07
C ALA B 47 -0.46 -20.29 -1.73
N GLU B 48 -1.53 -20.03 -2.47
CA GLU B 48 -2.29 -18.82 -2.23
C GLU B 48 -2.95 -18.82 -0.85
N VAL B 49 -3.52 -19.96 -0.48
CA VAL B 49 -4.12 -20.11 0.84
C VAL B 49 -3.08 -19.81 1.91
N PHE B 50 -1.89 -20.37 1.76
CA PHE B 50 -0.86 -20.13 2.77
C PHE B 50 -0.38 -18.67 2.75
N PHE B 51 -0.15 -18.08 1.58
CA PHE B 51 0.31 -16.69 1.56
C PHE B 51 -0.79 -15.73 2.06
N ARG B 52 -2.04 -16.00 1.73
CA ARG B 52 -3.13 -15.18 2.27
C ARG B 52 -3.20 -15.29 3.78
N PHE B 53 -3.03 -16.50 4.32
CA PHE B 53 -2.95 -16.65 5.78
C PHE B 53 -1.83 -15.80 6.34
N LEU B 54 -0.63 -15.89 5.75
CA LEU B 54 0.49 -15.12 6.23
C LEU B 54 0.20 -13.62 6.19
N CYS B 55 -0.43 -13.13 5.13
CA CYS B 55 -0.68 -11.70 4.99
C CYS B 55 -1.84 -11.19 5.86
N ILE B 56 -2.75 -12.06 6.28
N ILE B 56 -2.73 -12.06 6.30
CA ILE B 56 -3.67 -11.65 7.33
CA ILE B 56 -3.68 -11.64 7.33
C ILE B 56 -2.90 -11.44 8.64
C ILE B 56 -2.95 -11.47 8.67
N TYR B 57 -2.00 -12.36 8.96
CA TYR B 57 -1.28 -12.27 10.23
C TYR B 57 -0.29 -11.11 10.24
N ASP B 58 0.44 -10.89 9.15
CA ASP B 58 1.54 -9.92 9.10
C ASP B 58 1.55 -9.35 7.68
N PHE B 59 0.61 -8.43 7.40
CA PHE B 59 0.51 -7.93 6.03
C PHE B 59 1.71 -7.09 5.62
N TYR B 60 2.37 -6.45 6.57
CA TYR B 60 3.43 -5.49 6.26
C TYR B 60 4.81 -6.17 6.29
N ASN B 61 4.85 -7.30 5.58
CA ASN B 61 6.03 -8.15 5.44
C ASN B 61 6.38 -8.29 3.96
N VAL B 62 7.55 -7.79 3.58
CA VAL B 62 7.93 -7.75 2.16
C VAL B 62 7.85 -9.13 1.51
N ASP B 63 8.41 -10.14 2.17
CA ASP B 63 8.45 -11.46 1.54
C ASP B 63 7.07 -12.08 1.39
N TYR B 64 6.20 -11.91 2.38
CA TYR B 64 4.84 -12.43 2.26
C TYR B 64 4.12 -11.75 1.11
N ILE B 65 4.26 -10.41 1.03
CA ILE B 65 3.53 -9.64 0.04
C ILE B 65 4.03 -10.00 -1.35
N MET B 66 5.35 -10.14 -1.51
CA MET B 66 5.89 -10.46 -2.83
C MET B 66 5.40 -11.81 -3.29
N GLY B 67 5.27 -12.76 -2.36
CA GLY B 67 4.77 -14.07 -2.74
C GLY B 67 3.33 -14.04 -3.19
N LEU B 68 2.48 -13.34 -2.45
CA LEU B 68 1.07 -13.24 -2.81
C LEU B 68 0.89 -12.47 -4.11
N ALA B 69 1.69 -11.42 -4.30
CA ALA B 69 1.58 -10.64 -5.52
C ALA B 69 1.86 -11.50 -6.74
N ALA B 70 2.87 -12.35 -6.65
CA ALA B 70 3.21 -13.25 -7.76
C ALA B 70 2.08 -14.19 -8.10
N ILE B 71 1.45 -14.74 -7.07
CA ILE B 71 0.30 -15.61 -7.33
C ILE B 71 -0.84 -14.82 -7.94
N TYR B 72 -1.13 -13.61 -7.45
CA TYR B 72 -2.19 -12.81 -8.08
C TYR B 72 -1.86 -12.55 -9.54
N GLN B 73 -0.60 -12.27 -9.86
CA GLN B 73 -0.26 -12.02 -11.26
C GLN B 73 -0.47 -13.28 -12.09
N ILE B 74 -0.06 -14.43 -11.57
CA ILE B 74 -0.30 -15.68 -12.29
C ILE B 74 -1.79 -15.88 -12.53
N LYS B 75 -2.61 -15.53 -11.56
CA LYS B 75 -4.04 -15.75 -11.68
C LYS B 75 -4.75 -14.64 -12.45
N GLU B 76 -4.00 -13.72 -13.04
CA GLU B 76 -4.53 -12.64 -13.87
C GLU B 76 -5.39 -11.67 -13.06
N GLN B 77 -5.12 -11.62 -11.75
CA GLN B 77 -5.66 -10.58 -10.88
C GLN B 77 -4.64 -9.46 -10.83
N PHE B 78 -4.55 -8.76 -11.97
CA PHE B 78 -3.42 -7.89 -12.22
C PHE B 78 -3.46 -6.64 -11.34
N GLN B 79 -4.64 -6.13 -11.01
CA GLN B 79 -4.66 -4.93 -10.18
C GLN B 79 -4.23 -5.26 -8.75
N GLN B 80 -4.69 -6.38 -8.20
CA GLN B 80 -4.25 -6.76 -6.86
C GLN B 80 -2.76 -6.99 -6.85
N ALA B 81 -2.23 -7.63 -7.90
CA ALA B 81 -0.79 -7.88 -7.97
C ALA B 81 -0.03 -6.57 -8.00
N ALA B 82 -0.44 -5.65 -8.88
CA ALA B 82 0.25 -4.36 -8.99
C ALA B 82 0.25 -3.63 -7.66
N ASP B 83 -0.90 -3.61 -6.98
CA ASP B 83 -0.98 -2.92 -5.69
C ASP B 83 -0.04 -3.54 -4.67
N LEU B 84 -0.01 -4.88 -4.60
CA LEU B 84 0.84 -5.53 -3.59
C LEU B 84 2.32 -5.35 -3.91
N TYR B 85 2.69 -5.35 -5.19
CA TYR B 85 4.08 -5.08 -5.55
C TYR B 85 4.51 -3.69 -5.06
N ALA B 86 3.62 -2.69 -5.22
CA ALA B 86 3.89 -1.34 -4.73
C ALA B 86 3.96 -1.28 -3.21
N VAL B 87 3.12 -2.05 -2.51
CA VAL B 87 3.27 -2.16 -1.06
C VAL B 87 4.65 -2.69 -0.72
N ALA B 88 5.10 -3.76 -1.40
CA ALA B 88 6.41 -4.31 -1.10
C ALA B 88 7.51 -3.27 -1.32
N PHE B 89 7.39 -2.49 -2.39
CA PHE B 89 8.36 -1.43 -2.67
C PHE B 89 8.38 -0.41 -1.54
N ALA B 90 7.21 0.03 -1.06
CA ALA B 90 7.21 1.02 0.02
C ALA B 90 7.81 0.45 1.28
N LEU B 91 7.63 -0.84 1.49
CA LEU B 91 8.12 -1.49 2.71
C LEU B 91 9.60 -1.73 2.68
N GLY B 92 10.25 -1.51 1.56
CA GLY B 92 11.68 -1.66 1.53
C GLY B 92 12.27 -2.72 0.64
N LYS B 93 11.46 -3.42 -0.18
CA LYS B 93 12.02 -4.40 -1.09
C LYS B 93 13.22 -3.77 -1.77
N ASN B 94 14.35 -4.48 -1.75
CA ASN B 94 15.63 -3.87 -2.09
C ASN B 94 16.07 -4.12 -3.53
N ASP B 95 15.12 -4.31 -4.45
CA ASP B 95 15.42 -4.32 -5.86
C ASP B 95 14.20 -3.81 -6.62
N TYR B 96 14.30 -3.78 -7.96
CA TYR B 96 13.23 -3.24 -8.81
C TYR B 96 12.33 -4.30 -9.43
N THR B 97 12.44 -5.56 -9.01
CA THR B 97 11.53 -6.57 -9.55
C THR B 97 10.06 -6.26 -9.26
N PRO B 98 9.67 -5.73 -8.10
CA PRO B 98 8.25 -5.37 -7.97
C PRO B 98 7.82 -4.36 -9.02
N VAL B 99 8.70 -3.43 -9.40
CA VAL B 99 8.34 -2.39 -10.37
C VAL B 99 8.23 -2.99 -11.76
N PHE B 100 9.19 -3.84 -12.13
CA PHE B 100 9.15 -4.55 -13.40
C PHE B 100 7.87 -5.35 -13.57
N HIS B 101 7.51 -6.14 -12.55
CA HIS B 101 6.31 -6.96 -12.65
C HIS B 101 5.05 -6.10 -12.63
N THR B 102 5.06 -4.96 -11.92
CA THR B 102 3.92 -4.06 -11.99
C THR B 102 3.76 -3.52 -13.41
N GLY B 103 4.87 -3.24 -14.09
CA GLY B 103 4.76 -2.82 -15.48
C GLY B 103 4.05 -3.85 -16.33
N GLN B 104 4.40 -5.12 -16.17
CA GLN B 104 3.70 -6.18 -16.89
C GLN B 104 2.21 -6.15 -16.59
N CYS B 105 1.87 -6.00 -15.31
CA CYS B 105 0.46 -5.96 -14.89
C CYS B 105 -0.27 -4.78 -15.51
N GLN B 106 0.36 -3.60 -15.49
CA GLN B 106 -0.29 -2.41 -16.02
C GLN B 106 -0.55 -2.56 -17.51
N LEU B 107 0.37 -3.20 -18.24
CA LEU B 107 0.11 -3.51 -19.64
C LEU B 107 -1.16 -4.33 -19.76
N ARG B 108 -1.30 -5.37 -18.94
CA ARG B 108 -2.47 -6.22 -19.07
C ARG B 108 -3.75 -5.47 -18.68
N LEU B 109 -3.64 -4.50 -17.76
CA LEU B 109 -4.72 -3.60 -17.36
C LEU B 109 -4.97 -2.46 -18.35
N LYS B 110 -4.30 -2.43 -19.50
CA LYS B 110 -4.50 -1.38 -20.48
C LYS B 110 -4.24 0.00 -19.86
N ALA B 111 -3.16 0.08 -19.09
CA ALA B 111 -2.69 1.31 -18.45
C ALA B 111 -1.27 1.56 -18.94
N PRO B 112 -1.12 1.90 -20.22
CA PRO B 112 0.23 1.93 -20.81
C PRO B 112 1.12 3.05 -20.29
N LEU B 113 0.57 4.18 -19.83
CA LEU B 113 1.42 5.21 -19.25
C LEU B 113 1.98 4.77 -17.91
N LYS B 114 1.16 4.11 -17.09
CA LYS B 114 1.70 3.53 -15.86
C LYS B 114 2.78 2.50 -16.19
N ALA B 115 2.51 1.61 -17.16
CA ALA B 115 3.52 0.62 -17.52
C ALA B 115 4.81 1.30 -17.94
N LYS B 116 4.71 2.32 -18.79
CA LYS B 116 5.91 3.01 -19.25
C LYS B 116 6.69 3.57 -18.07
N GLU B 117 5.97 4.16 -17.12
CA GLU B 117 6.64 4.70 -15.93
C GLU B 117 7.41 3.59 -15.20
N CYS B 118 6.80 2.41 -15.07
CA CYS B 118 7.47 1.30 -14.38
C CYS B 118 8.76 0.89 -15.11
N PHE B 119 8.67 0.61 -16.42
CA PHE B 119 9.84 0.13 -17.14
C PHE B 119 10.93 1.20 -17.22
N GLU B 120 10.55 2.47 -17.40
CA GLU B 120 11.55 3.54 -17.38
C GLU B 120 12.25 3.62 -16.03
N LEU B 121 11.49 3.44 -14.95
CA LEU B 121 12.12 3.43 -13.63
C LEU B 121 13.12 2.29 -13.51
N VAL B 122 12.78 1.12 -14.05
CA VAL B 122 13.72 -0.01 -14.03
C VAL B 122 15.00 0.37 -14.76
N ILE B 123 14.86 0.92 -15.96
CA ILE B 123 16.04 1.24 -16.78
C ILE B 123 16.89 2.29 -16.08
N GLN B 124 16.25 3.26 -15.42
CA GLN B 124 16.98 4.38 -14.83
C GLN B 124 17.63 4.02 -13.49
N HIS B 125 17.12 3.03 -12.75
CA HIS B 125 17.59 2.80 -11.39
C HIS B 125 18.12 1.40 -11.11
N SER B 126 17.70 0.38 -11.87
CA SER B 126 18.14 -0.97 -11.60
C SER B 126 19.61 -1.15 -11.99
N ASN B 127 20.31 -1.99 -11.22
CA ASN B 127 21.67 -2.41 -11.59
C ASN B 127 21.70 -3.84 -12.10
N ASP B 128 20.52 -4.39 -12.43
CA ASP B 128 20.40 -5.70 -13.06
C ASP B 128 20.34 -5.46 -14.57
N GLU B 129 21.46 -5.67 -15.26
CA GLU B 129 21.50 -5.36 -16.70
C GLU B 129 20.54 -6.22 -17.50
N LYS B 130 20.33 -7.47 -17.10
CA LYS B 130 19.39 -8.32 -17.83
C LYS B 130 17.96 -7.86 -17.63
N LEU B 131 17.60 -7.44 -16.41
CA LEU B 131 16.26 -6.90 -16.17
C LEU B 131 16.03 -5.64 -17.00
N LYS B 132 17.05 -4.79 -17.13
CA LYS B 132 16.92 -3.59 -17.93
C LYS B 132 16.68 -3.93 -19.41
N ILE B 133 17.34 -4.97 -19.92
CA ILE B 133 17.08 -5.35 -21.31
C ILE B 133 15.64 -5.77 -21.46
N LYS B 134 15.14 -6.57 -20.52
CA LYS B 134 13.75 -6.99 -20.59
C LYS B 134 12.82 -5.76 -20.53
N ALA B 135 13.11 -4.83 -19.63
CA ALA B 135 12.28 -3.62 -19.52
C ALA B 135 12.28 -2.84 -20.82
N GLN B 136 13.44 -2.75 -21.50
CA GLN B 136 13.50 -1.99 -22.74
C GLN B 136 12.68 -2.68 -23.83
N SER B 137 12.69 -4.01 -23.86
CA SER B 137 11.86 -4.74 -24.81
C SER B 137 10.40 -4.33 -24.67
N TYR B 138 9.90 -4.27 -23.44
CA TYR B 138 8.53 -3.84 -23.23
C TYR B 138 8.32 -2.41 -23.68
N LEU B 139 9.20 -1.49 -23.24
CA LEU B 139 9.05 -0.10 -23.64
C LEU B 139 8.99 0.04 -25.15
N ASP B 140 9.81 -0.72 -25.86
CA ASP B 140 9.86 -0.60 -27.31
C ASP B 140 8.53 -0.91 -27.95
N ALA B 141 7.69 -1.70 -27.30
CA ALA B 141 6.42 -2.08 -27.90
C ALA B 141 5.25 -1.19 -27.50
N ILE B 142 5.43 -0.25 -26.57
CA ILE B 142 4.34 0.63 -26.12
C ILE B 142 4.28 1.79 -27.11
N GLN B 143 3.44 1.66 -28.13
CA GLN B 143 3.27 2.70 -29.14
C GLN B 143 1.80 2.85 -29.53
C1 F05 C . 6.03 -0.34 -7.44
C2 F05 C . 5.14 -0.44 -8.49
C3 F05 C . 4.95 0.63 -9.35
C4 F05 C . 5.65 1.82 -9.15
C5 F05 C . 6.55 1.92 -8.09
C6 F05 C . 6.74 0.84 -7.24
C7 F05 C . 7.16 3.29 -8.08
N8 F05 C . 6.57 3.91 -9.27
C9 F05 C . 5.72 3.10 -9.86
N10 F05 C . 5.01 3.38 -10.95
CL CL D . -12.28 16.29 18.62
CL CL E . 0.26 2.20 16.50
CL CL F . -22.99 11.45 -8.48
MG MG G . -14.78 12.49 -9.24
C1 PEG H . 5.64 20.67 1.23
O1 PEG H . 6.42 21.72 1.77
C2 PEG H . 6.41 19.38 1.14
O2 PEG H . 6.36 18.70 2.38
C3 PEG H . 5.14 18.02 2.60
C4 PEG H . 4.95 17.86 4.09
O4 PEG H . 3.63 17.44 4.40
S DMS I . -5.13 15.27 5.68
O DMS I . -5.39 14.81 4.29
C1 DMS I . -3.53 16.12 5.83
C2 DMS I . -6.35 16.54 6.07
C1 F05 J . -8.02 4.02 -7.46
C2 F05 J . -9.17 3.25 -7.46
C3 F05 J . -9.09 1.87 -7.31
C4 F05 J . -7.85 1.27 -7.16
C5 F05 J . -6.69 2.03 -7.18
C6 F05 J . -6.78 3.42 -7.32
C7 F05 J . -5.48 1.15 -7.05
N8 F05 J . -6.09 -0.17 -6.84
C9 F05 J . -7.40 -0.15 -6.92
N10 F05 J . -8.21 -1.21 -6.84
CL CL K . -2.66 1.61 -10.25
CL CL L . 16.74 -4.73 -9.74
S DMS M . 15.91 -0.33 -3.95
O DMS M . 16.64 0.75 -4.65
C1 DMS M . 15.59 0.32 -2.28
C2 DMS M . 14.22 -0.37 -4.58
#